data_5JP6
#
_entry.id   5JP6
#
_cell.length_a   112.434
_cell.length_b   112.434
_cell.length_c   79.859
_cell.angle_alpha   90.000
_cell.angle_beta   90.000
_cell.angle_gamma   120.000
#
_symmetry.space_group_name_H-M   'P 61'
#
loop_
_entity.id
_entity.type
_entity.pdbx_description
1 polymer 'Putative polysaccharide deacetylase'
2 non-polymer 'ZINC ION'
3 non-polymer 'MAGNESIUM ION'
4 water water
#
_entity_poly.entity_id   1
_entity_poly.type   'polypeptide(L)'
_entity_poly.pdbx_seq_one_letter_code
;MYMKKLVFGGMLIVSAASLVGCMSQIGSSVRQAVSDNQSAQTLVEWENSEANPEALFANWRHEFMVDSSKRESMKTELCK
ELQALPAQDLTLFENEIRDENNRALVSGCKEELLAQVDEHFDEQRESMSVPGHALKAVQSRNSFRFPDNTQKRDMSNGYM
AVRGDVARKEVVLTFDDGPHGLYTDAILRALKEVNAKAMFFATGKSVRTNPEALKRVAADGHVIGSHSITHACLGTSVAC
YKQMGNRNLTFDEAAAEVRGGHQAVFDVLGWVDPVFRF(PXU)YGETSKDLKAFLKTKSTGEFAWNIESDDWRTQSNEQL
LARVLANVESQGRGIVLFHDIQRRTAEIMPQFLRELYNRGYSVVLLTAADPSAKYNSKLVKRKQQLP
;
_entity_poly.pdbx_strand_id   A
#
loop_
_chem_comp.id
_chem_comp.type
_chem_comp.name
_chem_comp.formula
MG non-polymer 'MAGNESIUM ION' 'Mg 2'
ZN non-polymer 'ZINC ION' 'Zn 2'
#
# COMPACT_ATOMS: atom_id res chain seq x y z
N MET A 23 -23.26 -3.22 22.80
CA MET A 23 -22.27 -2.61 21.83
C MET A 23 -22.81 -2.25 20.49
N SER A 24 -24.11 -2.15 20.36
CA SER A 24 -24.66 -2.49 19.10
C SER A 24 -24.11 -1.62 17.95
N GLN A 25 -23.97 -0.29 18.06
CA GLN A 25 -23.50 0.42 16.83
C GLN A 25 -22.03 0.14 16.49
N ILE A 26 -21.16 0.26 17.50
CA ILE A 26 -19.76 -0.11 17.30
C ILE A 26 -19.63 -1.57 16.85
N GLY A 27 -20.35 -2.51 17.49
CA GLY A 27 -20.26 -3.91 17.11
C GLY A 27 -20.79 -4.13 15.71
N SER A 28 -21.90 -3.46 15.39
CA SER A 28 -22.48 -3.57 14.05
C SER A 28 -21.47 -3.10 12.98
N SER A 29 -20.79 -1.97 13.24
CA SER A 29 -19.80 -1.42 12.31
C SER A 29 -18.60 -2.38 12.19
N VAL A 30 -18.15 -2.93 13.32
CA VAL A 30 -17.03 -3.89 13.27
C VAL A 30 -17.36 -5.12 12.40
N ARG A 31 -18.50 -5.72 12.68
CA ARG A 31 -18.98 -6.84 11.88
C ARG A 31 -19.18 -6.45 10.40
N GLN A 32 -19.63 -5.22 10.14
CA GLN A 32 -19.85 -4.74 8.76
C GLN A 32 -18.56 -4.60 7.93
N ALA A 33 -17.52 -4.16 8.58
CA ALA A 33 -16.20 -4.06 7.94
C ALA A 33 -15.74 -5.44 7.44
N VAL A 34 -15.85 -6.40 8.34
CA VAL A 34 -15.47 -7.78 8.04
C VAL A 34 -16.33 -8.34 6.89
N SER A 35 -17.65 -8.19 7.02
CA SER A 35 -18.59 -8.61 5.97
C SER A 35 -18.33 -7.97 4.61
N ASP A 36 -18.16 -6.64 4.60
CA ASP A 36 -17.93 -5.90 3.34
C ASP A 36 -16.58 -6.32 2.71
N ASN A 37 -15.58 -6.56 3.55
CA ASN A 37 -14.27 -6.96 3.03
C ASN A 37 -14.36 -8.31 2.32
N GLN A 38 -15.19 -9.20 2.85
CA GLN A 38 -15.36 -10.47 2.21
C GLN A 38 -16.27 -10.47 0.99
N SER A 39 -17.30 -9.62 0.97
CA SER A 39 -18.27 -9.65 -0.10
C SER A 39 -17.85 -8.78 -1.31
N ALA A 40 -16.94 -7.82 -1.09
CA ALA A 40 -16.44 -6.98 -2.19
C ALA A 40 -15.82 -7.84 -3.30
N GLN A 41 -16.21 -7.62 -4.56
CA GLN A 41 -15.65 -8.42 -5.64
C GLN A 41 -14.42 -7.77 -6.22
N THR A 42 -14.29 -6.47 -6.00
CA THR A 42 -13.15 -5.74 -6.50
C THR A 42 -12.64 -4.73 -5.49
N LEU A 43 -11.43 -4.29 -5.74
CA LEU A 43 -10.83 -3.21 -4.99
C LEU A 43 -11.72 -1.97 -4.96
N VAL A 44 -12.26 -1.61 -6.13
CA VAL A 44 -13.17 -0.48 -6.21
C VAL A 44 -14.40 -0.71 -5.32
N GLU A 45 -15.00 -1.91 -5.42
CA GLU A 45 -16.14 -2.20 -4.54
C GLU A 45 -15.78 -2.02 -3.04
N TRP A 46 -14.60 -2.51 -2.64
CA TRP A 46 -14.18 -2.38 -1.24
C TRP A 46 -13.91 -0.94 -0.88
N GLU A 47 -13.29 -0.22 -1.84
CA GLU A 47 -13.16 1.24 -1.78
C GLU A 47 -14.51 1.93 -1.57
N ASN A 48 -15.59 1.38 -2.13
CA ASN A 48 -16.95 1.96 -1.94
C ASN A 48 -17.60 1.67 -0.58
N SER A 49 -16.98 0.83 0.26
CA SER A 49 -17.57 0.46 1.56
C SER A 49 -17.69 1.62 2.51
N GLU A 50 -18.76 1.62 3.30
CA GLU A 50 -18.97 2.63 4.34
C GLU A 50 -18.37 2.25 5.68
N ALA A 51 -17.88 1.01 5.77
CA ALA A 51 -17.31 0.49 6.99
C ALA A 51 -15.84 0.19 6.81
N ASN A 52 -15.16 0.98 5.97
CA ASN A 52 -13.71 0.87 5.90
C ASN A 52 -13.11 1.21 7.29
N PRO A 53 -12.24 0.36 7.82
CA PRO A 53 -11.75 0.63 9.18
C PRO A 53 -11.13 2.01 9.37
N GLU A 54 -10.41 2.51 8.37
CA GLU A 54 -9.82 3.86 8.48
C GLU A 54 -10.94 4.90 8.70
N ALA A 55 -11.98 4.79 7.89
CA ALA A 55 -13.13 5.72 7.98
C ALA A 55 -13.84 5.53 9.32
N LEU A 56 -14.03 4.28 9.74
CA LEU A 56 -14.73 3.99 11.02
C LEU A 56 -13.98 4.66 12.18
N PHE A 57 -12.67 4.49 12.22
CA PHE A 57 -11.86 5.07 13.32
C PHE A 57 -11.78 6.59 13.22
N ALA A 58 -11.75 7.18 12.02
CA ALA A 58 -11.78 8.63 11.91
C ALA A 58 -13.07 9.14 12.53
N ASN A 59 -14.18 8.49 12.24
CA ASN A 59 -15.45 8.91 12.82
C ASN A 59 -15.48 8.69 14.33
N TRP A 60 -14.97 7.56 14.80
CA TRP A 60 -14.92 7.29 16.25
C TRP A 60 -14.02 8.30 16.97
N ARG A 61 -12.91 8.70 16.36
CA ARG A 61 -12.10 9.73 16.99
C ARG A 61 -12.90 11.01 17.12
N HIS A 62 -13.68 11.37 16.10
CA HIS A 62 -14.51 12.58 16.15
C HIS A 62 -15.57 12.48 17.24
N GLU A 63 -16.27 11.34 17.29
CA GLU A 63 -17.30 11.14 18.31
C GLU A 63 -16.75 11.21 19.73
N PHE A 64 -15.58 10.61 19.89
CA PHE A 64 -14.87 10.57 21.17
C PHE A 64 -14.46 11.99 21.60
N MET A 65 -13.99 12.77 20.66
CA MET A 65 -13.56 14.14 20.92
C MET A 65 -14.77 14.97 21.36
N VAL A 66 -15.88 14.87 20.62
CA VAL A 66 -16.94 15.86 20.77
C VAL A 66 -17.92 15.57 21.90
N ASP A 67 -17.85 14.36 22.47
CA ASP A 67 -18.71 14.04 23.63
C ASP A 67 -17.95 13.23 24.65
N SER A 68 -17.35 13.91 25.62
CA SER A 68 -16.52 13.24 26.59
C SER A 68 -17.32 12.29 27.47
N SER A 69 -18.63 12.47 27.53
CA SER A 69 -19.46 11.56 28.32
C SER A 69 -19.61 10.18 27.71
N LYS A 70 -19.22 10.02 26.43
CA LYS A 70 -19.34 8.75 25.74
C LYS A 70 -18.02 8.00 25.70
N ARG A 71 -16.93 8.62 26.16
CA ARG A 71 -15.58 8.06 25.97
C ARG A 71 -15.37 6.71 26.62
N GLU A 72 -15.77 6.57 27.86
CA GLU A 72 -15.48 5.33 28.54
C GLU A 72 -16.29 4.15 27.94
N SER A 73 -17.53 4.43 27.54
CA SER A 73 -18.35 3.39 26.96
C SER A 73 -17.87 3.03 25.55
N MET A 74 -17.41 4.02 24.77
CA MET A 74 -16.83 3.74 23.47
C MET A 74 -15.63 2.81 23.63
N LYS A 75 -14.76 3.09 24.61
CA LYS A 75 -13.57 2.28 24.82
C LYS A 75 -13.92 0.84 25.18
N THR A 76 -14.84 0.68 26.13
CA THR A 76 -15.11 -0.67 26.59
CA THR A 76 -15.24 -0.64 26.62
C THR A 76 -15.78 -1.45 25.46
N GLU A 77 -16.67 -0.81 24.74
CA GLU A 77 -17.34 -1.44 23.64
C GLU A 77 -16.43 -1.80 22.47
N LEU A 78 -15.60 -0.85 22.09
CA LEU A 78 -14.66 -1.11 21.00
C LEU A 78 -13.74 -2.29 21.34
N CYS A 79 -13.19 -2.29 22.54
CA CYS A 79 -12.33 -3.38 22.98
C CYS A 79 -13.08 -4.69 22.99
N LYS A 80 -14.28 -4.70 23.54
CA LYS A 80 -15.01 -5.95 23.58
C LYS A 80 -15.31 -6.47 22.12
N GLU A 81 -15.66 -5.57 21.20
CA GLU A 81 -16.03 -5.97 19.87
C GLU A 81 -14.82 -6.41 19.03
N LEU A 82 -13.67 -5.75 19.21
CA LEU A 82 -12.47 -6.18 18.50
C LEU A 82 -11.93 -7.51 19.10
N GLN A 83 -12.01 -7.64 20.43
CA GLN A 83 -11.52 -8.86 21.11
C GLN A 83 -12.40 -10.06 20.78
N ALA A 84 -13.61 -9.83 20.28
CA ALA A 84 -14.49 -10.91 19.92
C ALA A 84 -14.12 -11.52 18.57
N LEU A 85 -13.36 -10.77 17.75
CA LEU A 85 -13.03 -11.25 16.40
C LEU A 85 -12.02 -12.41 16.37
N PRO A 86 -12.22 -13.38 15.45
CA PRO A 86 -11.11 -14.30 15.19
C PRO A 86 -9.84 -13.54 14.78
N ALA A 87 -8.69 -14.04 15.20
CA ALA A 87 -7.45 -13.29 14.97
C ALA A 87 -7.24 -12.94 13.50
N GLN A 88 -7.58 -13.84 12.57
CA GLN A 88 -7.35 -13.53 11.14
C GLN A 88 -8.21 -12.29 10.77
N ASP A 89 -9.46 -12.23 11.22
CA ASP A 89 -10.32 -11.09 10.94
C ASP A 89 -9.87 -9.81 11.62
N LEU A 90 -9.31 -9.96 12.80
CA LEU A 90 -8.78 -8.83 13.53
C LEU A 90 -7.67 -8.09 12.71
N THR A 91 -6.97 -8.84 11.87
CA THR A 91 -5.93 -8.22 11.03
C THR A 91 -6.45 -7.07 10.18
N LEU A 92 -7.75 -7.07 9.87
CA LEU A 92 -8.36 -5.99 9.11
C LEU A 92 -8.24 -4.62 9.83
N PHE A 93 -8.19 -4.68 11.16
CA PHE A 93 -8.15 -3.48 12.01
C PHE A 93 -6.77 -3.18 12.55
N GLU A 94 -5.78 -3.99 12.18
CA GLU A 94 -4.44 -3.88 12.76
C GLU A 94 -3.86 -2.47 12.58
N ASN A 95 -3.98 -1.91 11.38
CA ASN A 95 -3.37 -0.60 11.17
C ASN A 95 -4.00 0.45 12.06
N GLU A 96 -5.31 0.33 12.26
CA GLU A 96 -5.99 1.32 13.13
C GLU A 96 -5.57 1.11 14.59
N ILE A 97 -5.38 -0.15 15.00
CA ILE A 97 -4.98 -0.41 16.37
C ILE A 97 -3.55 0.10 16.64
N ARG A 98 -2.69 0.01 15.62
CA ARG A 98 -1.30 0.49 15.73
C ARG A 98 -1.19 2.02 15.64
N ASP A 99 -2.15 2.65 14.96
CA ASP A 99 -2.11 4.08 14.69
C ASP A 99 -2.18 4.86 15.98
N GLU A 100 -1.10 5.56 16.32
CA GLU A 100 -1.08 6.37 17.57
C GLU A 100 -2.21 7.40 17.64
N ASN A 101 -2.78 7.84 16.52
CA ASN A 101 -3.95 8.75 16.57
C ASN A 101 -5.15 8.11 17.29
N ASN A 102 -5.18 6.79 17.32
CA ASN A 102 -6.29 6.05 17.92
C ASN A 102 -5.99 5.58 19.37
N ARG A 103 -4.88 6.09 19.92
CA ARG A 103 -4.35 5.61 21.20
C ARG A 103 -5.43 5.58 22.27
N ALA A 104 -6.20 6.67 22.40
CA ALA A 104 -7.19 6.74 23.50
C ALA A 104 -8.35 5.79 23.31
N LEU A 105 -8.68 5.49 22.06
CA LEU A 105 -9.76 4.54 21.78
C LEU A 105 -9.42 3.12 22.17
N VAL A 106 -8.16 2.72 21.98
CA VAL A 106 -7.75 1.30 22.12
C VAL A 106 -6.80 1.04 23.29
N SER A 107 -6.54 2.04 24.14
CA SER A 107 -5.55 1.89 25.22
C SER A 107 -5.88 0.73 26.19
N GLY A 108 -7.17 0.46 26.32
CA GLY A 108 -7.66 -0.60 27.21
C GLY A 108 -7.36 -2.01 26.77
N CYS A 109 -7.07 -2.18 25.49
CA CYS A 109 -6.85 -3.52 24.96
C CYS A 109 -5.80 -3.61 23.87
N LYS A 110 -5.03 -2.55 23.63
CA LYS A 110 -4.09 -2.55 22.51
C LYS A 110 -3.10 -3.72 22.55
N GLU A 111 -2.48 -3.93 23.71
CA GLU A 111 -1.45 -4.98 23.84
C GLU A 111 -2.05 -6.36 23.55
N GLU A 112 -3.26 -6.59 24.04
CA GLU A 112 -3.90 -7.89 23.87
C GLU A 112 -4.27 -8.12 22.41
N LEU A 113 -4.81 -7.08 21.77
CA LEU A 113 -5.17 -7.19 20.35
C LEU A 113 -3.93 -7.43 19.49
N LEU A 114 -2.87 -6.69 19.76
CA LEU A 114 -1.70 -6.82 18.93
C LEU A 114 -1.03 -8.20 19.20
N ALA A 115 -1.15 -8.75 20.43
CA ALA A 115 -0.63 -10.09 20.70
C ALA A 115 -1.40 -11.12 19.82
N GLN A 116 -2.72 -10.96 19.67
CA GLN A 116 -3.56 -11.88 18.87
C GLN A 116 -3.12 -11.81 17.41
N VAL A 117 -2.92 -10.58 16.90
CA VAL A 117 -2.51 -10.42 15.52
C VAL A 117 -1.11 -10.96 15.28
N ASP A 118 -0.19 -10.66 16.20
CA ASP A 118 1.16 -11.13 16.06
C ASP A 118 1.24 -12.67 16.11
N GLU A 119 0.44 -13.28 16.97
CA GLU A 119 0.39 -14.75 17.07
C GLU A 119 -0.18 -15.36 15.78
N HIS A 120 -1.16 -14.68 15.18
CA HIS A 120 -1.72 -15.11 13.89
C HIS A 120 -0.60 -15.12 12.84
N PHE A 121 0.15 -14.03 12.73
CA PHE A 121 1.25 -14.00 11.70
C PHE A 121 2.37 -14.96 12.05
N ASP A 122 2.60 -15.25 13.33
CA ASP A 122 3.55 -16.30 13.71
C ASP A 122 3.12 -17.64 13.12
N GLU A 123 1.85 -17.94 13.29
CA GLU A 123 1.30 -19.22 12.81
C GLU A 123 1.37 -19.31 11.29
N GLN A 124 1.06 -18.19 10.64
CA GLN A 124 1.13 -18.08 9.17
C GLN A 124 2.53 -18.30 8.64
N ARG A 125 3.52 -17.82 9.38
CA ARG A 125 4.90 -17.91 8.98
C ARG A 125 5.39 -19.38 8.98
N GLU A 126 4.80 -20.23 9.81
CA GLU A 126 5.29 -21.61 10.02
C GLU A 126 5.31 -22.42 8.73
N SER A 127 4.36 -22.19 7.86
CA SER A 127 4.22 -23.00 6.66
C SER A 127 4.92 -22.40 5.44
N MET A 128 5.65 -21.31 5.63
CA MET A 128 6.37 -20.71 4.52
CA MET A 128 6.37 -20.64 4.55
C MET A 128 7.80 -21.15 4.46
N SER A 129 8.24 -21.50 3.24
CA SER A 129 9.65 -21.90 3.08
C SER A 129 10.57 -20.72 3.16
N VAL A 130 10.04 -19.53 2.84
CA VAL A 130 10.79 -18.26 2.91
C VAL A 130 10.05 -17.27 3.77
N PRO A 131 10.15 -17.42 5.08
CA PRO A 131 9.33 -16.57 5.93
C PRO A 131 9.77 -15.10 5.87
N GLY A 132 8.84 -14.21 6.15
CA GLY A 132 9.10 -12.82 6.31
C GLY A 132 8.65 -12.36 7.68
N HIS A 133 8.77 -11.06 7.93
CA HIS A 133 8.32 -10.46 9.16
C HIS A 133 8.14 -8.98 8.93
N ALA A 134 6.93 -8.50 9.13
CA ALA A 134 6.65 -7.10 8.88
C ALA A 134 7.14 -6.17 9.96
N LEU A 135 7.42 -6.69 11.16
CA LEU A 135 7.63 -5.87 12.35
C LEU A 135 9.10 -5.76 12.74
N LYS A 136 9.91 -6.71 12.29
CA LYS A 136 11.31 -6.71 12.69
C LYS A 136 12.19 -7.17 11.58
N ALA A 137 13.48 -6.81 11.72
CA ALA A 137 14.43 -6.89 10.63
C ALA A 137 14.97 -8.29 10.56
N VAL A 138 14.53 -9.00 9.54
CA VAL A 138 14.96 -10.35 9.33
C VAL A 138 15.57 -10.39 7.94
N GLN A 139 16.67 -11.13 7.89
CA GLN A 139 17.29 -11.53 6.64
C GLN A 139 16.64 -12.86 6.29
N SER A 140 15.93 -12.82 5.21
CA SER A 140 15.23 -14.04 4.73
C SER A 140 16.28 -15.00 4.20
N ARG A 141 15.80 -16.18 3.85
CA ARG A 141 16.64 -17.21 3.28
C ARG A 141 17.03 -16.95 1.84
N ASN A 142 16.48 -15.88 1.24
CA ASN A 142 16.76 -15.59 -0.18
C ASN A 142 18.20 -15.22 -0.40
N SER A 143 18.87 -15.96 -1.27
CA SER A 143 20.27 -15.65 -1.64
C SER A 143 20.42 -15.80 -3.14
N PHE A 144 19.58 -15.10 -3.85
CA PHE A 144 19.67 -14.92 -5.30
C PHE A 144 19.60 -13.44 -5.57
N ARG A 145 19.86 -13.07 -6.81
CA ARG A 145 19.86 -11.67 -7.19
C ARG A 145 19.17 -11.52 -8.54
N PHE A 146 18.09 -10.74 -8.61
CA PHE A 146 17.51 -10.37 -9.89
C PHE A 146 18.57 -9.44 -10.59
N PRO A 147 18.73 -9.59 -11.92
CA PRO A 147 19.57 -8.62 -12.63
C PRO A 147 19.01 -7.23 -12.59
N ASP A 148 19.87 -6.22 -12.69
CA ASP A 148 19.36 -4.89 -12.94
C ASP A 148 18.53 -4.86 -14.23
N ASN A 149 17.40 -4.19 -14.14
CA ASN A 149 16.50 -4.00 -15.27
C ASN A 149 15.65 -2.78 -15.07
N THR A 150 16.20 -1.64 -15.45
CA THR A 150 15.53 -0.35 -15.39
C THR A 150 15.26 0.10 -16.81
N GLN A 151 13.99 0.43 -17.07
CA GLN A 151 13.53 0.79 -18.39
C GLN A 151 12.94 2.19 -18.32
N LYS A 152 13.39 3.04 -19.25
CA LYS A 152 13.00 4.43 -19.29
C LYS A 152 11.75 4.60 -20.14
N ARG A 153 10.91 5.54 -19.71
CA ARG A 153 9.68 5.91 -20.44
C ARG A 153 9.62 7.43 -20.53
N ASP A 154 9.32 7.95 -21.70
CA ASP A 154 9.19 9.40 -21.88
C ASP A 154 7.85 9.82 -21.29
N MET A 155 7.95 10.66 -20.27
CA MET A 155 6.79 11.16 -19.59
C MET A 155 6.54 12.66 -19.84
N SER A 156 7.28 13.23 -20.79
CA SER A 156 7.23 14.68 -21.02
C SER A 156 5.87 15.20 -21.48
N ASN A 157 5.15 14.37 -22.25
CA ASN A 157 3.71 14.72 -22.52
CA ASN A 157 3.82 14.60 -22.69
C ASN A 157 2.85 13.58 -22.03
N GLY A 158 3.20 13.09 -20.85
CA GLY A 158 2.45 12.07 -20.15
C GLY A 158 2.81 10.68 -20.65
N TYR A 159 2.12 9.70 -20.10
CA TYR A 159 2.40 8.31 -20.38
C TYR A 159 1.34 7.49 -19.67
N MET A 160 0.66 6.60 -20.37
CA MET A 160 -0.37 5.79 -19.76
C MET A 160 0.13 4.36 -19.66
N ALA A 161 0.32 3.89 -18.43
CA ALA A 161 0.87 2.57 -18.18
C ALA A 161 -0.21 1.65 -17.65
N VAL A 162 -0.37 0.54 -18.35
CA VAL A 162 -1.19 -0.56 -17.87
C VAL A 162 -0.27 -1.76 -17.62
N ARG A 163 0.35 -2.26 -18.69
CA ARG A 163 1.38 -3.28 -18.60
C ARG A 163 2.76 -2.65 -18.64
N GLY A 164 2.85 -1.37 -19.02
CA GLY A 164 4.13 -0.66 -18.98
C GLY A 164 5.13 -0.93 -20.08
N ASP A 165 4.68 -1.58 -21.14
CA ASP A 165 5.50 -1.86 -22.34
C ASP A 165 6.70 -2.76 -22.02
N VAL A 166 6.53 -3.58 -20.98
CA VAL A 166 7.60 -4.50 -20.62
C VAL A 166 7.53 -5.80 -21.46
N ALA A 167 8.62 -6.57 -21.40
CA ALA A 167 8.73 -7.83 -22.16
C ALA A 167 7.99 -8.98 -21.48
N ARG A 168 7.84 -10.10 -22.20
CA ARG A 168 7.29 -11.30 -21.59
C ARG A 168 8.15 -11.66 -20.35
N LYS A 169 7.44 -12.07 -19.29
CA LYS A 169 8.03 -12.52 -18.03
C LYS A 169 8.76 -11.43 -17.27
N GLU A 170 8.39 -10.18 -17.57
CA GLU A 170 8.83 -9.03 -16.78
C GLU A 170 7.64 -8.48 -15.99
N VAL A 171 7.90 -8.20 -14.70
CA VAL A 171 6.89 -7.57 -13.86
C VAL A 171 7.46 -6.36 -13.15
N VAL A 172 6.60 -5.36 -13.00
CA VAL A 172 6.92 -4.12 -12.30
C VAL A 172 6.15 -4.17 -10.99
N LEU A 173 6.88 -4.06 -9.90
CA LEU A 173 6.26 -4.12 -8.61
C LEU A 173 5.93 -2.72 -8.09
N THR A 174 4.66 -2.49 -7.77
CA THR A 174 4.21 -1.20 -7.34
C THR A 174 3.47 -1.25 -6.02
N PHE A 175 3.70 -0.22 -5.22
CA PHE A 175 3.18 -0.20 -3.85
C PHE A 175 2.49 1.13 -3.59
N ASP A 176 1.22 1.05 -3.25
CA ASP A 176 0.40 2.24 -2.95
C ASP A 176 0.19 2.49 -1.48
N ASP A 177 0.08 3.77 -1.17
CA ASP A 177 -0.48 4.32 0.08
C ASP A 177 0.42 4.43 1.27
N GLY A 178 1.67 4.06 1.07
CA GLY A 178 2.70 4.18 2.12
C GLY A 178 3.33 5.56 2.08
N PRO A 179 4.40 5.74 2.84
CA PRO A 179 5.02 4.69 3.63
C PRO A 179 4.33 4.44 4.97
N HIS A 180 4.38 3.19 5.41
CA HIS A 180 3.99 2.83 6.78
C HIS A 180 5.23 2.94 7.68
N GLY A 181 5.03 3.14 8.98
CA GLY A 181 6.12 3.23 9.91
C GLY A 181 6.92 1.98 10.18
N LEU A 182 6.33 0.81 9.90
CA LEU A 182 6.99 -0.48 10.06
C LEU A 182 7.05 -1.30 8.79
N TYR A 183 5.91 -1.46 8.10
CA TYR A 183 5.86 -2.48 7.06
C TYR A 183 6.69 -2.14 5.84
N THR A 184 6.79 -0.86 5.54
CA THR A 184 7.52 -0.45 4.37
C THR A 184 8.99 -0.87 4.47
N ASP A 185 9.58 -0.70 5.67
CA ASP A 185 10.97 -1.09 5.87
C ASP A 185 11.11 -2.62 5.64
N ALA A 186 10.14 -3.42 6.07
CA ALA A 186 10.20 -4.86 5.80
C ALA A 186 10.19 -5.15 4.28
N ILE A 187 9.34 -4.43 3.56
CA ILE A 187 9.30 -4.56 2.10
C ILE A 187 10.66 -4.13 1.50
N LEU A 188 11.22 -3.02 1.99
CA LEU A 188 12.54 -2.56 1.51
C LEU A 188 13.61 -3.63 1.73
N ARG A 189 13.60 -4.27 2.91
CA ARG A 189 14.61 -5.30 3.21
C ARG A 189 14.47 -6.45 2.23
N ALA A 190 13.24 -6.83 1.98
CA ALA A 190 12.98 -7.97 1.07
C ALA A 190 13.45 -7.66 -0.35
N LEU A 191 13.13 -6.47 -0.82
CA LEU A 191 13.54 -6.05 -2.15
C LEU A 191 15.04 -5.99 -2.28
N LYS A 192 15.68 -5.36 -1.30
CA LYS A 192 17.11 -5.13 -1.36
C LYS A 192 17.89 -6.45 -1.38
N GLU A 193 17.44 -7.43 -0.58
CA GLU A 193 18.12 -8.74 -0.49
C GLU A 193 18.32 -9.41 -1.85
N VAL A 194 17.38 -9.14 -2.76
CA VAL A 194 17.39 -9.79 -4.07
C VAL A 194 17.60 -8.79 -5.23
N ASN A 195 18.03 -7.58 -4.89
CA ASN A 195 18.32 -6.53 -5.90
C ASN A 195 17.11 -6.13 -6.71
N ALA A 196 15.92 -6.23 -6.13
CA ALA A 196 14.71 -5.79 -6.81
C ALA A 196 14.45 -4.33 -6.52
N LYS A 197 14.03 -3.60 -7.56
CA LYS A 197 13.60 -2.21 -7.41
C LYS A 197 12.10 -2.17 -7.65
N ALA A 198 11.45 -1.14 -7.11
CA ALA A 198 10.00 -1.01 -7.19
C ALA A 198 9.57 0.44 -7.30
N MET A 199 8.30 0.63 -7.62
CA MET A 199 7.72 1.94 -7.76
C MET A 199 6.78 2.12 -6.50
N PHE A 200 6.91 3.23 -5.78
CA PHE A 200 6.05 3.55 -4.67
C PHE A 200 5.20 4.77 -4.97
N PHE A 201 3.89 4.58 -4.89
CA PHE A 201 2.93 5.66 -5.08
C PHE A 201 2.43 6.05 -3.69
N ALA A 202 3.16 6.98 -3.10
CA ALA A 202 2.95 7.36 -1.72
C ALA A 202 1.77 8.30 -1.58
N THR A 203 1.13 8.29 -0.41
CA THR A 203 0.08 9.24 -0.20
CA THR A 203 0.02 9.22 -0.12
C THR A 203 0.54 10.30 0.80
N GLY A 204 0.00 11.51 0.64
CA GLY A 204 0.40 12.64 1.47
C GLY A 204 0.33 12.37 2.95
N LYS A 205 -0.77 11.76 3.41
CA LYS A 205 -0.96 11.51 4.81
C LYS A 205 0.18 10.59 5.36
N SER A 206 0.49 9.52 4.64
CA SER A 206 1.55 8.62 5.04
C SER A 206 2.92 9.27 5.06
N VAL A 207 3.15 10.11 4.06
CA VAL A 207 4.42 10.81 3.95
C VAL A 207 4.63 11.80 5.11
N ARG A 208 3.58 12.53 5.44
CA ARG A 208 3.67 13.46 6.56
CA ARG A 208 3.61 13.45 6.59
C ARG A 208 3.85 12.72 7.91
N THR A 209 3.28 11.54 8.04
CA THR A 209 3.43 10.76 9.26
C THR A 209 4.83 10.13 9.37
N ASN A 210 5.38 9.68 8.23
CA ASN A 210 6.57 8.83 8.19
C ASN A 210 7.63 9.33 7.22
N PRO A 211 8.09 10.57 7.39
CA PRO A 211 9.07 11.06 6.41
C PRO A 211 10.41 10.31 6.41
N GLU A 212 10.87 9.83 7.59
CA GLU A 212 12.14 9.10 7.63
C GLU A 212 12.05 7.80 6.87
N ALA A 213 10.90 7.13 6.98
CA ALA A 213 10.66 5.93 6.20
C ALA A 213 10.71 6.25 4.71
N LEU A 214 10.14 7.39 4.31
CA LEU A 214 10.19 7.76 2.89
C LEU A 214 11.65 7.95 2.43
N LYS A 215 12.45 8.60 3.28
CA LYS A 215 13.85 8.75 2.96
C LYS A 215 14.58 7.42 2.78
N ARG A 216 14.22 6.40 3.57
CA ARG A 216 14.82 5.07 3.37
C ARG A 216 14.39 4.44 2.08
N VAL A 217 13.13 4.63 1.67
CA VAL A 217 12.70 4.15 0.36
C VAL A 217 13.57 4.81 -0.72
N ALA A 218 13.73 6.13 -0.65
CA ALA A 218 14.50 6.89 -1.62
C ALA A 218 15.96 6.37 -1.69
N ALA A 219 16.56 6.15 -0.51
CA ALA A 219 17.96 5.78 -0.45
C ALA A 219 18.23 4.38 -1.08
N ASP A 220 17.18 3.56 -1.17
CA ASP A 220 17.29 2.21 -1.70
C ASP A 220 17.09 2.18 -3.23
N GLY A 221 16.94 3.34 -3.87
CA GLY A 221 16.95 3.44 -5.34
C GLY A 221 15.61 3.25 -6.02
N HIS A 222 14.53 3.27 -5.25
CA HIS A 222 13.22 3.03 -5.81
C HIS A 222 12.65 4.32 -6.43
N VAL A 223 11.68 4.12 -7.30
CA VAL A 223 10.89 5.23 -7.85
C VAL A 223 9.82 5.60 -6.84
N ILE A 224 9.63 6.90 -6.63
CA ILE A 224 8.62 7.41 -5.71
C ILE A 224 7.81 8.51 -6.36
N GLY A 225 6.52 8.19 -6.60
CA GLY A 225 5.52 9.16 -7.02
C GLY A 225 4.43 9.25 -5.97
N SER A 226 3.20 9.50 -6.41
CA SER A 226 2.11 9.69 -5.46
C SER A 226 0.80 9.03 -5.89
N HIS A 227 -0.07 8.81 -4.91
CA HIS A 227 -1.39 8.21 -5.07
C HIS A 227 -2.32 9.10 -4.27
N SER A 228 -3.33 9.66 -4.92
CA SER A 228 -4.36 10.44 -4.20
C SER A 228 -5.48 9.53 -3.74
N ILE A 229 -6.26 10.00 -2.78
CA ILE A 229 -7.04 9.05 -1.97
C ILE A 229 -8.57 9.16 -1.94
N THR A 230 -9.15 10.29 -2.31
CA THR A 230 -10.62 10.45 -2.26
C THR A 230 -11.33 9.84 -3.48
N LEU A 249 -15.56 14.92 -6.28
CA LEU A 249 -14.78 16.12 -6.22
C LEU A 249 -14.93 16.88 -7.52
N THR A 250 -14.86 18.20 -7.41
CA THR A 250 -14.76 19.04 -8.59
C THR A 250 -13.36 18.83 -9.16
N PHE A 251 -13.18 19.28 -10.39
CA PHE A 251 -11.89 19.21 -11.04
C PHE A 251 -10.81 19.89 -10.19
N ASP A 252 -11.09 21.10 -9.71
CA ASP A 252 -10.06 21.82 -8.95
C ASP A 252 -9.74 21.10 -7.65
N GLU A 253 -10.75 20.55 -6.99
CA GLU A 253 -10.49 19.79 -5.75
C GLU A 253 -9.66 18.56 -6.06
N ALA A 254 -9.99 17.88 -7.16
CA ALA A 254 -9.25 16.67 -7.55
C ALA A 254 -7.80 17.01 -7.93
N ALA A 255 -7.63 18.09 -8.67
CA ALA A 255 -6.28 18.51 -9.08
C ALA A 255 -5.46 18.87 -7.86
N ALA A 256 -6.10 19.51 -6.87
CA ALA A 256 -5.39 19.82 -5.64
C ALA A 256 -4.94 18.55 -4.89
N GLU A 257 -5.75 17.49 -4.95
CA GLU A 257 -5.41 16.19 -4.34
C GLU A 257 -4.20 15.58 -5.10
N VAL A 258 -4.21 15.70 -6.43
CA VAL A 258 -3.07 15.21 -7.22
C VAL A 258 -1.79 15.93 -6.83
N ARG A 259 -1.84 17.26 -6.77
CA ARG A 259 -0.69 18.09 -6.35
CA ARG A 259 -0.65 18.05 -6.42
C ARG A 259 -0.22 17.81 -4.96
N GLY A 260 -1.18 17.63 -4.03
CA GLY A 260 -0.81 17.53 -2.63
C GLY A 260 0.09 16.36 -2.26
N GLY A 261 -0.18 15.18 -2.80
CA GLY A 261 0.69 14.02 -2.52
C GLY A 261 2.09 14.20 -3.14
N HIS A 262 2.12 14.75 -4.35
CA HIS A 262 3.36 15.04 -5.01
C HIS A 262 4.17 16.06 -4.21
N GLN A 263 3.50 17.10 -3.74
CA GLN A 263 4.15 18.09 -2.93
C GLN A 263 4.72 17.50 -1.63
N ALA A 264 3.96 16.59 -1.00
CA ALA A 264 4.42 15.99 0.26
C ALA A 264 5.74 15.24 0.03
N VAL A 265 5.80 14.46 -1.04
CA VAL A 265 7.02 13.73 -1.35
C VAL A 265 8.18 14.70 -1.59
N PHE A 266 7.93 15.68 -2.43
CA PHE A 266 8.92 16.70 -2.77
C PHE A 266 9.44 17.43 -1.53
N ASP A 267 8.53 17.77 -0.63
CA ASP A 267 8.91 18.47 0.60
C ASP A 267 9.88 17.67 1.46
N VAL A 268 9.80 16.33 1.41
CA VAL A 268 10.73 15.48 2.17
C VAL A 268 12.05 15.27 1.42
N LEU A 269 11.95 14.95 0.13
CA LEU A 269 13.09 14.44 -0.62
C LEU A 269 13.83 15.47 -1.47
N GLY A 270 13.15 16.55 -1.84
CA GLY A 270 13.69 17.47 -2.82
C GLY A 270 13.46 17.03 -4.24
N TRP A 271 12.69 15.96 -4.41
CA TRP A 271 12.28 15.47 -5.71
C TRP A 271 11.06 14.58 -5.54
N VAL A 272 10.41 14.32 -6.66
CA VAL A 272 9.30 13.41 -6.76
C VAL A 272 9.26 12.93 -8.20
N ASP A 273 9.25 11.62 -8.41
CA ASP A 273 9.23 11.13 -9.78
C ASP A 273 7.92 11.48 -10.46
N PRO A 274 7.97 11.62 -11.80
CA PRO A 274 6.78 12.07 -12.56
C PRO A 274 5.84 10.92 -12.84
N VAL A 275 5.40 10.26 -11.77
CA VAL A 275 4.51 9.11 -11.85
C VAL A 275 3.41 9.26 -10.82
N PHE A 276 2.19 8.96 -11.24
CA PHE A 276 1.02 9.17 -10.42
C PHE A 276 0.01 8.07 -10.67
N ARG A 277 -0.70 7.72 -9.61
CA ARG A 277 -1.78 6.73 -9.71
C ARG A 277 -3.07 7.34 -9.12
N PHE A 278 -4.18 7.26 -9.86
CA PHE A 278 -5.47 7.78 -9.44
C PHE A 278 -6.05 6.91 -8.31
N PXU A 279 -7.00 7.52 -7.65
CA PXU A 279 -8.05 6.77 -6.90
OA PXU A 279 -7.46 6.25 -5.74
CB PXU A 279 -9.10 7.74 -6.42
CG PXU A 279 -8.48 9.12 -6.59
CD PXU A 279 -7.36 8.96 -7.59
C PXU A 279 -8.82 5.76 -7.69
O PXU A 279 -8.86 5.91 -8.94
N TYR A 280 -8.68 4.51 -7.33
CA TYR A 280 -9.01 3.31 -8.16
C TYR A 280 -10.37 3.49 -8.84
N GLY A 281 -10.39 3.27 -10.14
CA GLY A 281 -11.61 3.41 -10.90
C GLY A 281 -11.91 4.79 -11.48
N GLU A 282 -10.99 5.76 -11.21
CA GLU A 282 -11.14 7.13 -11.76
C GLU A 282 -11.16 7.10 -13.29
N THR A 283 -12.18 7.70 -13.92
CA THR A 283 -12.25 7.71 -15.40
C THR A 283 -12.10 9.10 -16.02
N SER A 284 -11.96 10.15 -15.19
CA SER A 284 -12.11 11.51 -15.67
C SER A 284 -11.13 11.84 -16.80
N LYS A 285 -11.69 12.13 -17.97
CA LYS A 285 -10.91 12.50 -19.12
C LYS A 285 -10.21 13.84 -18.86
N ASP A 286 -10.85 14.71 -18.07
CA ASP A 286 -10.20 16.00 -17.76
C ASP A 286 -8.93 15.78 -16.93
N LEU A 287 -9.01 14.94 -15.90
CA LEU A 287 -7.81 14.68 -15.08
C LEU A 287 -6.74 13.93 -15.84
N LYS A 288 -7.13 13.04 -16.74
CA LYS A 288 -6.17 12.36 -17.57
C LYS A 288 -5.42 13.37 -18.46
N ALA A 289 -6.16 14.33 -19.04
CA ALA A 289 -5.54 15.39 -19.87
C ALA A 289 -4.62 16.28 -19.06
N PHE A 290 -5.07 16.64 -17.86
CA PHE A 290 -4.28 17.42 -16.91
C PHE A 290 -2.91 16.78 -16.65
N LEU A 291 -2.90 15.47 -16.38
CA LEU A 291 -1.61 14.80 -16.10
C LEU A 291 -0.62 14.92 -17.27
N LYS A 292 -1.14 14.80 -18.50
CA LYS A 292 -0.28 14.90 -19.66
C LYS A 292 0.28 16.32 -19.79
N THR A 293 -0.58 17.32 -19.61
CA THR A 293 -0.12 18.72 -19.60
C THR A 293 0.97 18.93 -18.55
N LYS A 294 0.79 18.25 -17.41
CA LYS A 294 1.74 18.36 -16.30
C LYS A 294 2.86 17.34 -16.36
N SER A 295 3.08 16.73 -17.52
CA SER A 295 4.26 15.90 -17.78
C SER A 295 4.45 14.83 -16.70
N THR A 296 3.34 14.17 -16.34
CA THR A 296 3.35 13.17 -15.31
C THR A 296 2.67 11.92 -15.83
N GLY A 297 3.36 10.79 -15.71
CA GLY A 297 2.81 9.51 -16.17
C GLY A 297 1.67 9.05 -15.27
N GLU A 298 0.68 8.39 -15.88
CA GLU A 298 -0.51 7.85 -15.25
C GLU A 298 -0.36 6.34 -15.22
N PHE A 299 -0.30 5.79 -14.03
CA PHE A 299 0.00 4.37 -13.84
C PHE A 299 -1.23 3.65 -13.33
N ALA A 300 -1.76 2.76 -14.16
CA ALA A 300 -2.76 1.82 -13.74
C ALA A 300 -1.96 0.51 -13.46
N TRP A 301 -2.54 -0.66 -13.69
CA TRP A 301 -1.90 -1.95 -13.40
C TRP A 301 -2.70 -3.01 -14.17
N ASN A 302 -2.12 -4.20 -14.31
CA ASN A 302 -2.87 -5.34 -14.87
C ASN A 302 -2.81 -6.61 -14.03
N ILE A 303 -1.93 -6.64 -13.04
CA ILE A 303 -1.79 -7.81 -12.17
C ILE A 303 -2.25 -7.39 -10.76
N GLU A 304 -3.39 -7.95 -10.34
CA GLU A 304 -3.96 -7.67 -9.02
C GLU A 304 -3.40 -8.64 -7.98
N SER A 305 -3.09 -8.10 -6.80
CA SER A 305 -2.78 -8.91 -5.64
C SER A 305 -3.98 -9.19 -4.80
N ASP A 306 -5.00 -8.32 -4.88
CA ASP A 306 -6.12 -8.38 -3.93
C ASP A 306 -5.63 -8.34 -2.46
N ASP A 307 -4.49 -7.66 -2.20
CA ASP A 307 -3.93 -7.67 -0.84
C ASP A 307 -4.78 -6.88 0.16
N TRP A 308 -5.77 -6.13 -0.32
CA TRP A 308 -6.76 -5.42 0.53
C TRP A 308 -7.70 -6.41 1.24
N ARG A 309 -7.84 -7.63 0.71
CA ARG A 309 -8.79 -8.59 1.24
C ARG A 309 -8.14 -9.43 2.35
N THR A 310 -8.80 -9.52 3.49
CA THR A 310 -8.35 -10.41 4.54
C THR A 310 -8.35 -11.83 3.99
N GLN A 311 -7.22 -12.50 4.19
CA GLN A 311 -7.02 -13.85 3.67
C GLN A 311 -5.73 -14.40 4.27
N SER A 312 -5.53 -15.69 4.16
CA SER A 312 -4.28 -16.30 4.65
C SER A 312 -3.09 -15.83 3.81
N ASN A 313 -1.89 -15.95 4.37
CA ASN A 313 -0.70 -15.69 3.58
C ASN A 313 -0.66 -16.57 2.34
N GLU A 314 -1.04 -17.84 2.51
CA GLU A 314 -1.11 -18.85 1.45
CA GLU A 314 -1.02 -18.79 1.40
C GLU A 314 -2.02 -18.40 0.30
N GLN A 315 -3.23 -17.95 0.65
CA GLN A 315 -4.19 -17.47 -0.32
CA GLN A 315 -4.19 -17.47 -0.42
C GLN A 315 -3.68 -16.24 -1.12
N LEU A 316 -3.09 -15.30 -0.36
CA LEU A 316 -2.57 -14.10 -0.99
C LEU A 316 -1.48 -14.44 -2.01
N LEU A 317 -0.51 -15.28 -1.62
CA LEU A 317 0.58 -15.71 -2.54
C LEU A 317 -0.03 -16.41 -3.73
N ALA A 318 -1.03 -17.27 -3.51
CA ALA A 318 -1.64 -18.02 -4.59
C ALA A 318 -2.35 -17.09 -5.59
N ARG A 319 -3.08 -16.10 -5.06
CA ARG A 319 -3.81 -15.20 -5.93
C ARG A 319 -2.87 -14.32 -6.75
N VAL A 320 -1.90 -13.69 -6.08
CA VAL A 320 -1.03 -12.80 -6.83
C VAL A 320 -0.20 -13.58 -7.86
N LEU A 321 0.32 -14.75 -7.47
CA LEU A 321 1.11 -15.52 -8.42
C LEU A 321 0.26 -16.10 -9.56
N ALA A 322 -0.98 -16.52 -9.25
CA ALA A 322 -1.89 -16.94 -10.33
C ALA A 322 -2.11 -15.80 -11.33
N ASN A 323 -2.25 -14.58 -10.82
CA ASN A 323 -2.49 -13.44 -11.70
C ASN A 323 -1.25 -13.08 -12.47
N VAL A 324 -0.08 -13.16 -11.83
CA VAL A 324 1.19 -12.97 -12.57
C VAL A 324 1.24 -13.94 -13.74
N GLU A 325 0.98 -15.23 -13.46
CA GLU A 325 1.07 -16.25 -14.49
C GLU A 325 0.05 -16.08 -15.60
N SER A 326 -1.17 -15.69 -15.21
CA SER A 326 -2.28 -15.46 -16.15
C SER A 326 -1.98 -14.34 -17.15
N GLN A 327 -1.46 -13.24 -16.60
CA GLN A 327 -1.11 -12.07 -17.39
C GLN A 327 0.20 -12.24 -18.15
N GLY A 328 1.17 -12.92 -17.54
CA GLY A 328 2.47 -13.18 -18.15
C GLY A 328 3.51 -12.11 -18.03
N ARG A 329 3.05 -10.87 -17.82
CA ARG A 329 3.91 -9.69 -17.68
CA ARG A 329 3.91 -9.69 -17.71
C ARG A 329 3.06 -8.53 -17.18
N GLY A 330 3.73 -7.48 -16.71
CA GLY A 330 3.03 -6.23 -16.47
C GLY A 330 3.29 -5.65 -15.12
N ILE A 331 2.31 -4.90 -14.64
CA ILE A 331 2.42 -4.08 -13.44
C ILE A 331 1.56 -4.67 -12.35
N VAL A 332 2.21 -4.95 -11.22
CA VAL A 332 1.53 -5.56 -10.05
C VAL A 332 1.15 -4.48 -9.06
N LEU A 333 -0.08 -4.55 -8.58
CA LEU A 333 -0.57 -3.64 -7.52
C LEU A 333 -0.49 -4.29 -6.14
N PHE A 334 0.35 -3.72 -5.27
CA PHE A 334 0.47 -4.08 -3.83
C PHE A 334 0.20 -2.75 -3.08
N HIS A 335 0.01 -2.91 -1.77
CA HIS A 335 0.00 -1.78 -0.82
C HIS A 335 1.03 -2.05 0.27
N ASP A 336 2.00 -1.14 0.44
CA ASP A 336 3.05 -1.36 1.44
C ASP A 336 2.49 -1.05 2.85
N ILE A 337 1.28 -0.54 2.95
CA ILE A 337 0.58 -0.39 4.24
C ILE A 337 -0.19 -1.65 4.67
N GLN A 338 -0.13 -2.70 3.84
CA GLN A 338 -0.80 -3.96 4.15
C GLN A 338 0.25 -4.90 4.79
N ARG A 339 0.08 -5.21 6.08
CA ARG A 339 1.06 -6.03 6.78
C ARG A 339 1.31 -7.34 6.06
N ARG A 340 0.25 -7.99 5.61
CA ARG A 340 0.42 -9.34 5.08
C ARG A 340 1.27 -9.33 3.81
N THR A 341 1.19 -8.22 3.07
CA THR A 341 2.04 -8.06 1.90
C THR A 341 3.52 -8.04 2.27
N ALA A 342 3.87 -7.35 3.35
CA ALA A 342 5.26 -7.37 3.83
C ALA A 342 5.61 -8.81 4.30
N GLU A 343 4.68 -9.50 4.98
CA GLU A 343 4.97 -10.83 5.48
C GLU A 343 5.28 -11.81 4.36
N ILE A 344 4.62 -11.66 3.21
CA ILE A 344 4.81 -12.60 2.11
C ILE A 344 5.84 -12.14 1.07
N MET A 345 6.44 -10.97 1.27
CA MET A 345 7.25 -10.41 0.20
C MET A 345 8.49 -11.27 -0.14
N PRO A 346 9.26 -11.73 0.88
CA PRO A 346 10.39 -12.60 0.50
C PRO A 346 9.96 -13.85 -0.27
N GLN A 347 8.85 -14.44 0.14
CA GLN A 347 8.36 -15.64 -0.47
C GLN A 347 7.90 -15.34 -1.93
N PHE A 348 7.22 -14.22 -2.11
CA PHE A 348 6.75 -13.78 -3.41
C PHE A 348 7.91 -13.59 -4.38
N LEU A 349 8.94 -12.89 -3.91
CA LEU A 349 10.10 -12.65 -4.72
C LEU A 349 10.81 -13.95 -5.13
N ARG A 350 10.93 -14.88 -4.19
CA ARG A 350 11.52 -16.17 -4.50
CA ARG A 350 11.48 -16.19 -4.49
C ARG A 350 10.68 -16.90 -5.55
N GLU A 351 9.36 -16.87 -5.43
CA GLU A 351 8.52 -17.53 -6.44
C GLU A 351 8.61 -16.84 -7.82
N LEU A 352 8.68 -15.51 -7.88
CA LEU A 352 8.89 -14.83 -9.19
C LEU A 352 10.16 -15.42 -9.81
N TYR A 353 11.23 -15.47 -9.03
CA TYR A 353 12.49 -16.00 -9.50
C TYR A 353 12.37 -17.46 -9.98
N ASN A 354 11.70 -18.29 -9.16
CA ASN A 354 11.49 -19.70 -9.48
C ASN A 354 10.71 -19.88 -10.79
N ARG A 355 9.75 -19.00 -11.01
CA ARG A 355 8.84 -19.07 -12.15
C ARG A 355 9.38 -18.43 -13.42
N GLY A 356 10.59 -17.88 -13.36
CA GLY A 356 11.27 -17.32 -14.51
C GLY A 356 10.97 -15.88 -14.82
N TYR A 357 10.43 -15.18 -13.84
CA TYR A 357 10.06 -13.78 -14.01
C TYR A 357 11.27 -12.87 -13.58
N SER A 358 11.36 -11.68 -14.18
CA SER A 358 12.33 -10.68 -13.82
CA SER A 358 12.35 -10.66 -13.87
C SER A 358 11.62 -9.38 -13.38
N VAL A 359 12.19 -8.67 -12.41
CA VAL A 359 11.62 -7.46 -11.91
C VAL A 359 12.17 -6.24 -12.63
N VAL A 360 11.28 -5.40 -13.13
CA VAL A 360 11.64 -4.20 -13.90
C VAL A 360 11.24 -2.95 -13.15
N LEU A 361 12.13 -1.95 -13.17
CA LEU A 361 11.80 -0.63 -12.69
C LEU A 361 11.51 0.27 -13.88
N LEU A 362 10.37 0.97 -13.85
CA LEU A 362 10.08 1.97 -14.89
C LEU A 362 10.43 3.34 -14.30
N THR A 363 11.08 4.17 -15.08
CA THR A 363 11.52 5.46 -14.64
C THR A 363 11.44 6.46 -15.79
N ALA A 364 11.42 7.74 -15.45
CA ALA A 364 11.41 8.79 -16.50
C ALA A 364 12.68 8.76 -17.36
N ALA A 365 12.52 9.01 -18.65
CA ALA A 365 13.68 9.14 -19.54
C ALA A 365 14.58 10.33 -19.18
N ASP A 366 13.97 11.42 -18.72
CA ASP A 366 14.69 12.63 -18.36
C ASP A 366 15.04 12.53 -16.90
N PRO A 367 16.34 12.36 -16.59
CA PRO A 367 16.75 12.23 -15.22
C PRO A 367 16.53 13.47 -14.33
N SER A 368 16.27 14.62 -14.96
CA SER A 368 15.96 15.83 -14.22
C SER A 368 14.47 16.02 -13.91
N ALA A 369 13.60 15.21 -14.51
CA ALA A 369 12.12 15.34 -14.43
C ALA A 369 11.73 15.38 -12.93
N LYS A 370 12.37 14.55 -12.13
CA LYS A 370 12.01 14.37 -10.71
C LYS A 370 12.24 15.65 -9.90
N TYR A 371 13.13 16.52 -10.40
CA TYR A 371 13.43 17.77 -9.71
C TYR A 371 12.60 18.94 -10.17
N ASN A 372 11.82 18.74 -11.24
CA ASN A 372 11.13 19.83 -11.90
C ASN A 372 9.65 19.50 -12.15
N SER A 373 9.03 18.84 -11.17
CA SER A 373 7.64 18.45 -11.33
C SER A 373 6.73 19.67 -11.54
N LYS A 374 5.87 19.57 -12.54
CA LYS A 374 4.84 20.59 -12.79
C LYS A 374 3.68 20.55 -11.77
N LEU A 375 3.72 19.58 -10.87
CA LEU A 375 2.72 19.42 -9.82
C LEU A 375 3.15 20.02 -8.49
N VAL A 376 4.39 20.51 -8.41
CA VAL A 376 4.88 21.03 -7.16
C VAL A 376 5.27 22.50 -7.25
N LYS A 377 5.20 23.18 -6.10
CA LYS A 377 5.70 24.53 -5.91
C LYS A 377 7.08 24.46 -5.25
N ARG A 378 8.05 25.11 -5.86
CA ARG A 378 9.40 25.13 -5.33
C ARG A 378 9.48 25.96 -4.06
N LYS A 379 10.55 25.77 -3.29
CA LYS A 379 10.87 26.66 -2.17
C LYS A 379 9.79 26.53 -1.09
ZN ZN B . -4.66 3.53 -2.94
MG MG C . 10.74 11.81 -19.18
#